data_6D9R
#
_entry.id   6D9R
#
_cell.length_a   113.758
_cell.length_b   113.758
_cell.length_c   56.731
_cell.angle_alpha   90.00
_cell.angle_beta   90.00
_cell.angle_gamma   120.00
#
_symmetry.space_group_name_H-M   'P 32 2 1'
#
loop_
_entity.id
_entity.type
_entity.pdbx_description
1 polymer 'Hypoxanthine phosphoribosyltransferase'
2 non-polymer 9-DEAZAGUANINE
3 non-polymer 1-O-pyrophosphono-5-O-phosphono-alpha-D-ribofuranose
4 non-polymer 'MAGNESIUM ION'
5 non-polymer DI(HYDROXYETHYL)ETHER
6 non-polymer 'ACETATE ION'
7 non-polymer 1,2-ETHANEDIOL
8 water water
#
_entity_poly.entity_id   1
_entity_poly.type   'polypeptide(L)'
_entity_poly.pdbx_seq_one_letter_code
;SNAMMNQDIEKVLISEEQIQEKVLELGAIIAEDYKNTVPLAIGVLKGAMPFMADLLKRTDTYLEMDFMAVSSYGHSTVST
GEVKILKDLDTSVEGRDILIVEDIIDSGLTLSYLVDLFKYRKAKSVKIVTLLDKPTGRKVDLKADYVGFTVPHEFVVGYG
LDYKEQYRNLPYVGVLKPSVYSN
;
_entity_poly.pdbx_strand_id   A,B
#
# COMPACT_ATOMS: atom_id res chain seq x y z
N ALA A 3 -9.83 -6.06 -20.77
CA ALA A 3 -8.94 -7.20 -20.97
C ALA A 3 -7.81 -6.83 -21.90
N MET A 4 -7.10 -5.76 -21.59
CA MET A 4 -6.15 -5.20 -22.54
C MET A 4 -4.69 -5.24 -22.10
N MET A 5 -4.36 -5.02 -20.83
CA MET A 5 -2.95 -5.07 -20.44
C MET A 5 -2.32 -6.42 -20.78
N ASN A 6 -3.08 -7.52 -20.57
CA ASN A 6 -2.56 -8.86 -20.81
C ASN A 6 -2.05 -9.01 -22.24
N GLN A 7 -2.68 -8.32 -23.20
CA GLN A 7 -2.22 -8.38 -24.59
C GLN A 7 -0.86 -7.74 -24.77
N ASP A 8 -0.40 -6.94 -23.81
CA ASP A 8 0.92 -6.32 -23.88
C ASP A 8 2.02 -7.19 -23.28
N ILE A 9 1.68 -8.34 -22.71
CA ILE A 9 2.62 -9.15 -21.95
C ILE A 9 3.02 -10.34 -22.81
N GLU A 10 4.31 -10.50 -23.01
CA GLU A 10 4.81 -11.63 -23.80
CA GLU A 10 4.83 -11.63 -23.79
C GLU A 10 4.82 -12.91 -22.98
N LYS A 11 5.18 -12.83 -21.69
CA LYS A 11 5.31 -14.01 -20.84
C LYS A 11 4.99 -13.62 -19.40
N VAL A 12 4.23 -14.47 -18.72
CA VAL A 12 4.10 -14.38 -17.25
C VAL A 12 5.31 -15.04 -16.62
N LEU A 13 6.11 -14.27 -15.88
CA LEU A 13 7.28 -14.83 -15.23
CA LEU A 13 7.28 -14.82 -15.23
C LEU A 13 6.92 -15.45 -13.89
N ILE A 14 6.04 -14.81 -13.13
CA ILE A 14 5.66 -15.25 -11.79
C ILE A 14 4.16 -15.01 -11.66
N SER A 15 3.41 -16.07 -11.42
CA SER A 15 1.96 -15.98 -11.41
C SER A 15 1.46 -15.45 -10.07
N GLU A 16 0.20 -15.02 -10.07
CA GLU A 16 -0.44 -14.57 -8.85
C GLU A 16 -0.49 -15.67 -7.80
N GLU A 17 -0.74 -16.92 -8.22
CA GLU A 17 -0.76 -18.02 -7.27
C GLU A 17 0.62 -18.25 -6.65
N GLN A 18 1.69 -18.11 -7.44
CA GLN A 18 3.04 -18.25 -6.89
C GLN A 18 3.31 -17.16 -5.85
N ILE A 19 2.93 -15.92 -6.16
CA ILE A 19 3.18 -14.83 -5.21
C ILE A 19 2.41 -15.07 -3.92
N GLN A 20 1.14 -15.48 -4.03
CA GLN A 20 0.31 -15.74 -2.86
C GLN A 20 0.94 -16.77 -1.95
N GLU A 21 1.42 -17.88 -2.52
CA GLU A 21 2.08 -18.88 -1.69
C GLU A 21 3.36 -18.32 -1.04
N LYS A 22 4.14 -17.53 -1.77
CA LYS A 22 5.40 -17.06 -1.23
C LYS A 22 5.17 -16.00 -0.14
N VAL A 23 4.14 -15.16 -0.27
CA VAL A 23 3.93 -14.18 0.81
C VAL A 23 3.41 -14.87 2.06
N LEU A 24 2.62 -15.92 1.90
CA LEU A 24 2.20 -16.72 3.05
C LEU A 24 3.41 -17.28 3.79
N GLU A 25 4.37 -17.84 3.05
CA GLU A 25 5.57 -18.40 3.67
C GLU A 25 6.44 -17.34 4.33
N LEU A 26 6.76 -16.26 3.59
CA LEU A 26 7.64 -15.24 4.14
C LEU A 26 6.97 -14.57 5.34
N GLY A 27 5.67 -14.35 5.27
CA GLY A 27 4.99 -13.63 6.34
C GLY A 27 5.17 -14.34 7.66
N ALA A 28 5.05 -15.67 7.64
CA ALA A 28 5.17 -16.43 8.89
C ALA A 28 6.60 -16.44 9.42
N ILE A 29 7.58 -16.50 8.51
CA ILE A 29 8.98 -16.45 8.90
C ILE A 29 9.30 -15.10 9.51
N ILE A 30 8.80 -14.01 8.88
CA ILE A 30 9.14 -12.68 9.32
C ILE A 30 8.46 -12.39 10.65
N ALA A 31 7.25 -12.91 10.81
CA ALA A 31 6.53 -12.74 12.07
C ALA A 31 7.29 -13.34 13.25
N GLU A 32 7.91 -14.50 13.04
CA GLU A 32 8.74 -15.10 14.08
C GLU A 32 9.99 -14.28 14.34
N ASP A 33 10.65 -13.81 13.28
CA ASP A 33 11.84 -13.00 13.45
C ASP A 33 11.55 -11.78 14.32
N TYR A 34 10.38 -11.18 14.16
CA TYR A 34 10.06 -9.93 14.83
C TYR A 34 9.08 -10.11 15.97
N LYS A 35 9.01 -11.31 16.55
CA LYS A 35 7.98 -11.59 17.54
CA LYS A 35 7.97 -11.59 17.55
C LYS A 35 8.20 -10.85 18.86
N ASN A 36 9.44 -10.43 19.18
CA ASN A 36 9.74 -9.77 20.45
C ASN A 36 10.07 -8.29 20.27
N THR A 37 9.59 -7.68 19.19
CA THR A 37 9.76 -6.25 18.99
C THR A 37 8.59 -5.77 18.15
N VAL A 38 8.43 -4.45 18.12
CA VAL A 38 7.43 -3.79 17.26
C VAL A 38 8.27 -3.07 16.22
N PRO A 39 8.55 -3.69 15.07
CA PRO A 39 9.37 -3.04 14.07
C PRO A 39 8.60 -1.93 13.35
N LEU A 40 9.38 -1.11 12.67
CA LEU A 40 8.86 -0.15 11.70
C LEU A 40 9.13 -0.70 10.31
N ALA A 41 8.05 -1.08 9.62
CA ALA A 41 8.15 -1.56 8.24
C ALA A 41 8.00 -0.35 7.33
N ILE A 42 8.97 -0.15 6.46
CA ILE A 42 9.06 1.05 5.65
C ILE A 42 8.93 0.64 4.19
N GLY A 43 7.85 1.09 3.54
CA GLY A 43 7.66 0.78 2.14
C GLY A 43 8.31 1.83 1.26
N VAL A 44 9.02 1.36 0.24
CA VAL A 44 9.67 2.27 -0.71
C VAL A 44 8.68 2.51 -1.85
N LEU A 45 8.09 3.70 -1.86
CA LEU A 45 7.14 4.03 -2.90
C LEU A 45 7.86 4.30 -4.21
N LYS A 46 7.17 4.10 -5.36
CA LYS A 46 5.80 3.63 -5.44
CA LYS A 46 5.80 3.63 -5.44
C LYS A 46 5.66 2.10 -5.49
N GLY A 47 6.73 1.43 -5.93
CA GLY A 47 6.57 0.06 -6.35
C GLY A 47 6.30 -0.95 -5.26
N ALA A 48 6.70 -0.65 -4.03
CA ALA A 48 6.59 -1.67 -2.98
C ALA A 48 5.16 -1.88 -2.49
N MET A 49 4.19 -1.06 -2.90
CA MET A 49 2.92 -1.07 -2.20
CA MET A 49 2.90 -1.06 -2.22
C MET A 49 2.13 -2.39 -2.34
N PRO A 50 2.04 -3.00 -3.53
CA PRO A 50 1.28 -4.27 -3.60
C PRO A 50 1.88 -5.39 -2.77
N PHE A 51 3.20 -5.60 -2.87
CA PHE A 51 3.88 -6.61 -2.06
C PHE A 51 3.77 -6.31 -0.58
N MET A 52 3.98 -5.06 -0.19
CA MET A 52 3.95 -4.74 1.23
C MET A 52 2.58 -5.03 1.83
N ALA A 53 1.51 -4.64 1.10
CA ALA A 53 0.15 -4.92 1.56
C ALA A 53 -0.06 -6.40 1.77
N ASP A 54 0.26 -7.19 0.77
CA ASP A 54 -0.06 -8.62 0.79
C ASP A 54 0.87 -9.38 1.73
N LEU A 55 2.13 -8.96 1.85
CA LEU A 55 3.05 -9.59 2.79
C LEU A 55 2.64 -9.31 4.23
N LEU A 56 2.38 -8.05 4.56
CA LEU A 56 2.14 -7.75 5.97
C LEU A 56 0.78 -8.25 6.45
N LYS A 57 -0.17 -8.47 5.55
CA LYS A 57 -1.45 -9.12 5.90
C LYS A 57 -1.21 -10.55 6.39
N ARG A 58 -0.11 -11.15 5.95
CA ARG A 58 0.27 -12.52 6.27
C ARG A 58 1.35 -12.58 7.35
N THR A 59 1.67 -11.45 7.96
CA THR A 59 2.71 -11.32 8.99
C THR A 59 1.97 -11.07 10.30
N ASP A 60 1.79 -12.12 11.10
CA ASP A 60 0.94 -12.06 12.29
C ASP A 60 1.81 -11.63 13.48
N THR A 61 2.13 -10.34 13.52
CA THR A 61 2.88 -9.77 14.63
C THR A 61 2.55 -8.29 14.70
N TYR A 62 2.79 -7.72 15.87
CA TYR A 62 2.63 -6.28 16.05
C TYR A 62 3.75 -5.55 15.32
N LEU A 63 3.36 -4.54 14.54
CA LEU A 63 4.30 -3.73 13.79
C LEU A 63 3.65 -2.39 13.46
N GLU A 64 4.51 -1.43 13.12
CA GLU A 64 4.12 -0.13 12.58
C GLU A 64 4.60 0.00 11.15
N MET A 65 4.02 0.96 10.42
CA MET A 65 4.36 1.17 9.02
C MET A 65 4.70 2.64 8.79
N ASP A 66 5.52 2.87 7.78
CA ASP A 66 5.73 4.21 7.21
C ASP A 66 6.27 4.02 5.80
N PHE A 67 6.50 5.12 5.11
CA PHE A 67 6.74 5.11 3.69
C PHE A 67 7.77 6.18 3.33
N MET A 68 8.60 5.85 2.35
CA MET A 68 9.50 6.80 1.71
C MET A 68 9.37 6.75 0.21
N ALA A 69 9.68 7.88 -0.41
CA ALA A 69 9.72 8.01 -1.86
C ALA A 69 11.11 8.52 -2.22
N VAL A 70 11.76 7.85 -3.16
CA VAL A 70 13.07 8.28 -3.63
C VAL A 70 13.10 8.24 -5.16
N SER A 71 13.99 9.04 -5.72
CA SER A 71 14.26 9.05 -7.15
C SER A 71 15.75 8.86 -7.35
N SER A 72 16.11 7.89 -8.18
CA SER A 72 17.52 7.58 -8.46
C SER A 72 18.18 8.68 -9.31
N THR A 80 23.51 8.46 -12.62
CA THR A 80 24.66 9.10 -12.00
C THR A 80 25.00 8.49 -10.65
N GLY A 81 24.03 7.81 -10.05
CA GLY A 81 24.19 7.26 -8.72
C GLY A 81 23.76 8.18 -7.60
N GLU A 82 23.23 9.35 -7.93
CA GLU A 82 22.76 10.31 -6.94
C GLU A 82 21.30 10.01 -6.64
N VAL A 83 20.99 9.71 -5.39
CA VAL A 83 19.64 9.34 -4.98
C VAL A 83 19.01 10.53 -4.26
N LYS A 84 17.74 10.77 -4.57
CA LYS A 84 17.01 11.93 -4.06
C LYS A 84 15.82 11.45 -3.21
N ILE A 85 15.73 11.97 -1.99
CA ILE A 85 14.55 11.75 -1.16
C ILE A 85 13.45 12.70 -1.62
N LEU A 86 12.35 12.15 -2.10
CA LEU A 86 11.15 12.93 -2.41
C LEU A 86 10.21 13.03 -1.21
N LYS A 87 10.06 11.93 -0.48
CA LYS A 87 9.29 11.89 0.76
C LYS A 87 10.10 11.16 1.81
N ASP A 88 10.34 11.82 2.93
CA ASP A 88 11.03 11.20 4.05
C ASP A 88 9.99 10.61 5.01
N LEU A 89 10.50 9.88 6.00
CA LEU A 89 9.63 9.31 7.01
C LEU A 89 8.98 10.39 7.86
N ASP A 90 7.83 10.04 8.42
CA ASP A 90 7.17 10.82 9.47
C ASP A 90 7.37 10.21 10.85
N THR A 91 8.29 9.26 10.99
CA THR A 91 8.51 8.52 12.22
C THR A 91 10.01 8.48 12.47
N SER A 92 10.44 8.65 13.72
CA SER A 92 11.84 8.49 14.07
C SER A 92 12.25 7.02 13.95
N VAL A 93 13.45 6.75 13.44
CA VAL A 93 13.95 5.37 13.43
C VAL A 93 14.90 5.09 14.60
N GLU A 94 15.17 6.09 15.44
CA GLU A 94 16.18 5.92 16.49
C GLU A 94 15.79 4.84 17.47
N GLY A 95 16.66 3.84 17.62
CA GLY A 95 16.40 2.71 18.47
C GLY A 95 15.35 1.73 17.97
N ARG A 96 14.90 1.87 16.72
CA ARG A 96 13.90 0.96 16.20
C ARG A 96 14.52 -0.13 15.33
N ASP A 97 13.84 -1.27 15.30
CA ASP A 97 14.14 -2.31 14.34
C ASP A 97 13.39 -2.00 13.04
N ILE A 98 14.14 -1.77 11.96
CA ILE A 98 13.57 -1.33 10.67
C ILE A 98 13.51 -2.52 9.72
N LEU A 99 12.37 -2.71 9.07
CA LEU A 99 12.24 -3.67 7.97
C LEU A 99 11.89 -2.88 6.72
N ILE A 100 12.81 -2.79 5.76
CA ILE A 100 12.55 -2.09 4.50
C ILE A 100 11.86 -3.08 3.56
N VAL A 101 10.76 -2.65 2.94
CA VAL A 101 10.00 -3.47 2.02
C VAL A 101 10.11 -2.89 0.61
N GLU A 102 10.52 -3.73 -0.34
CA GLU A 102 10.80 -3.29 -1.71
C GLU A 102 10.20 -4.27 -2.71
N ASP A 103 9.99 -3.79 -3.96
CA ASP A 103 9.51 -4.66 -5.01
C ASP A 103 10.65 -5.34 -5.80
N ILE A 104 11.74 -4.62 -6.09
CA ILE A 104 12.88 -5.24 -6.80
C ILE A 104 14.16 -4.54 -6.37
N ILE A 105 15.24 -5.33 -6.29
CA ILE A 105 16.59 -4.84 -6.16
C ILE A 105 17.31 -5.18 -7.46
N ASP A 106 17.85 -4.17 -8.12
CA ASP A 106 18.46 -4.35 -9.45
C ASP A 106 19.92 -3.95 -9.34
N SER A 107 20.24 -2.67 -9.53
CA SER A 107 21.60 -2.19 -9.31
C SER A 107 22.02 -2.21 -7.84
N GLY A 108 21.07 -2.11 -6.91
CA GLY A 108 21.38 -1.99 -5.51
C GLY A 108 21.49 -0.56 -4.99
N LEU A 109 21.42 0.44 -5.87
CA LEU A 109 21.64 1.82 -5.48
C LEU A 109 20.61 2.28 -4.46
N THR A 110 19.32 2.12 -4.79
CA THR A 110 18.27 2.63 -3.91
C THR A 110 18.46 2.15 -2.49
N LEU A 111 18.63 0.84 -2.30
CA LEU A 111 18.67 0.33 -0.94
C LEU A 111 20.02 0.61 -0.27
N SER A 112 21.12 0.72 -1.01
CA SER A 112 22.37 1.07 -0.34
C SER A 112 22.26 2.46 0.27
N TYR A 113 21.59 3.37 -0.44
CA TYR A 113 21.32 4.69 0.10
C TYR A 113 20.48 4.61 1.36
N LEU A 114 19.36 3.90 1.29
CA LEU A 114 18.42 3.90 2.42
C LEU A 114 19.03 3.22 3.65
N VAL A 115 19.75 2.12 3.45
CA VAL A 115 20.31 1.41 4.61
C VAL A 115 21.28 2.32 5.36
N ASP A 116 22.13 3.03 4.62
CA ASP A 116 23.08 3.94 5.25
C ASP A 116 22.34 5.08 5.96
N LEU A 117 21.26 5.57 5.36
CA LEU A 117 20.49 6.62 6.02
C LEU A 117 19.91 6.16 7.34
N PHE A 118 19.36 4.95 7.41
CA PHE A 118 18.74 4.51 8.64
C PHE A 118 19.79 4.16 9.70
N LYS A 119 20.95 3.63 9.29
CA LYS A 119 22.02 3.43 10.26
C LYS A 119 22.53 4.75 10.81
N TYR A 120 22.74 5.75 9.95
CA TYR A 120 23.11 7.08 10.42
C TYR A 120 22.10 7.61 11.45
N ARG A 121 20.80 7.37 11.24
CA ARG A 121 19.76 7.80 12.18
C ARG A 121 19.62 6.90 13.40
N LYS A 122 20.51 5.93 13.58
CA LYS A 122 20.64 5.15 14.81
C LYS A 122 19.55 4.09 14.97
N ALA A 123 19.09 3.53 13.85
CA ALA A 123 18.26 2.34 13.90
C ALA A 123 18.96 1.27 14.73
N LYS A 124 18.19 0.52 15.49
CA LYS A 124 18.74 -0.62 16.22
C LYS A 124 19.17 -1.75 15.28
N SER A 125 18.41 -1.99 14.21
CA SER A 125 18.72 -3.00 13.21
C SER A 125 18.00 -2.59 11.94
N VAL A 126 18.53 -3.06 10.81
CA VAL A 126 17.95 -2.78 9.50
C VAL A 126 18.00 -4.09 8.72
N LYS A 127 16.84 -4.56 8.30
CA LYS A 127 16.72 -5.68 7.38
C LYS A 127 15.87 -5.26 6.18
N ILE A 128 15.97 -6.05 5.12
CA ILE A 128 15.27 -5.81 3.85
C ILE A 128 14.48 -7.05 3.45
N VAL A 129 13.24 -6.85 3.01
CA VAL A 129 12.49 -7.88 2.32
C VAL A 129 12.08 -7.34 0.95
N THR A 130 12.39 -8.09 -0.09
CA THR A 130 12.06 -7.65 -1.46
C THR A 130 11.28 -8.75 -2.15
N LEU A 131 10.31 -8.37 -2.99
CA LEU A 131 9.57 -9.37 -3.74
C LEU A 131 10.47 -10.07 -4.74
N LEU A 132 11.21 -9.28 -5.51
CA LEU A 132 12.07 -9.73 -6.59
C LEU A 132 13.51 -9.31 -6.38
N ASP A 133 14.45 -10.11 -6.86
CA ASP A 133 15.85 -9.76 -6.84
C ASP A 133 16.41 -10.11 -8.21
N LYS A 134 17.16 -9.18 -8.80
CA LYS A 134 17.78 -9.32 -10.11
C LYS A 134 19.28 -9.24 -9.90
N PRO A 135 19.93 -10.33 -9.49
CA PRO A 135 21.35 -10.22 -9.09
C PRO A 135 22.29 -9.82 -10.23
N THR A 136 21.93 -10.11 -11.47
CA THR A 136 22.74 -9.72 -12.63
C THR A 136 22.76 -8.21 -12.82
N GLY A 137 21.87 -7.46 -12.17
CA GLY A 137 21.92 -6.02 -12.36
C GLY A 137 22.85 -5.27 -11.44
N ARG A 138 23.49 -5.95 -10.47
CA ARG A 138 24.16 -5.22 -9.41
C ARG A 138 25.32 -4.36 -9.90
N LYS A 139 25.37 -3.15 -9.35
CA LYS A 139 26.48 -2.22 -9.46
C LYS A 139 27.14 -1.93 -8.11
N VAL A 140 26.50 -2.30 -7.01
CA VAL A 140 27.08 -2.18 -5.68
C VAL A 140 26.68 -3.44 -4.93
N ASP A 141 27.40 -3.74 -3.86
CA ASP A 141 27.14 -4.97 -3.12
C ASP A 141 25.98 -4.73 -2.18
N LEU A 142 24.87 -5.42 -2.42
CA LEU A 142 23.69 -5.24 -1.59
C LEU A 142 22.84 -6.49 -1.71
N LYS A 143 22.55 -7.10 -0.57
CA LYS A 143 21.67 -8.24 -0.55
C LYS A 143 20.59 -8.02 0.50
N ALA A 144 19.42 -8.52 0.19
CA ALA A 144 18.31 -8.47 1.11
C ALA A 144 18.39 -9.66 2.08
N ASP A 145 17.76 -9.48 3.23
CA ASP A 145 17.64 -10.57 4.20
C ASP A 145 16.62 -11.59 3.78
N TYR A 146 15.57 -11.16 3.05
CA TYR A 146 14.44 -11.98 2.62
C TYR A 146 14.11 -11.63 1.16
N VAL A 147 14.01 -12.65 0.30
CA VAL A 147 13.74 -12.47 -1.13
C VAL A 147 12.62 -13.40 -1.56
N GLY A 148 11.61 -12.84 -2.24
CA GLY A 148 10.54 -13.65 -2.76
C GLY A 148 10.99 -14.54 -3.91
N PHE A 149 11.49 -13.92 -4.97
CA PHE A 149 11.86 -14.59 -6.21
C PHE A 149 13.09 -13.94 -6.82
N THR A 150 13.92 -14.74 -7.46
CA THR A 150 14.99 -14.23 -8.29
CA THR A 150 14.99 -14.22 -8.30
C THR A 150 14.52 -14.16 -9.74
N VAL A 151 14.91 -13.09 -10.43
CA VAL A 151 14.47 -12.91 -11.82
C VAL A 151 15.67 -12.70 -12.71
N PRO A 152 15.51 -13.00 -13.99
CA PRO A 152 16.63 -12.88 -14.94
C PRO A 152 16.87 -11.43 -15.38
N HIS A 153 17.87 -11.26 -16.26
CA HIS A 153 18.32 -9.93 -16.64
C HIS A 153 17.43 -9.40 -17.76
N GLU A 154 16.20 -9.05 -17.38
CA GLU A 154 15.31 -8.39 -18.32
C GLU A 154 14.37 -7.46 -17.56
N PHE A 155 13.71 -6.58 -18.30
CA PHE A 155 12.82 -5.60 -17.68
C PHE A 155 11.47 -6.23 -17.42
N VAL A 156 11.06 -6.28 -16.14
CA VAL A 156 9.79 -6.88 -15.77
C VAL A 156 8.83 -5.79 -15.30
N VAL A 157 7.55 -6.10 -15.36
CA VAL A 157 6.49 -5.19 -14.89
C VAL A 157 5.49 -6.00 -14.08
N GLY A 158 4.69 -5.29 -13.32
CA GLY A 158 3.58 -5.88 -12.62
C GLY A 158 3.83 -5.97 -11.13
N TYR A 159 2.73 -6.16 -10.40
CA TYR A 159 2.75 -6.29 -8.95
CA TYR A 159 2.76 -6.30 -8.95
C TYR A 159 3.62 -5.22 -8.32
N GLY A 160 3.38 -3.97 -8.75
CA GLY A 160 4.07 -2.80 -8.26
C GLY A 160 5.02 -2.16 -9.27
N LEU A 161 5.56 -2.94 -10.19
CA LEU A 161 6.62 -2.50 -11.09
C LEU A 161 6.04 -1.89 -12.36
N ASP A 162 6.50 -0.68 -12.71
CA ASP A 162 5.91 0.09 -13.80
C ASP A 162 6.77 0.11 -15.06
N TYR A 163 6.10 0.35 -16.20
CA TYR A 163 6.73 0.90 -17.40
C TYR A 163 6.04 2.24 -17.65
N LYS A 164 6.80 3.32 -17.50
CA LYS A 164 6.31 4.70 -17.69
C LYS A 164 5.05 4.92 -16.84
N GLU A 165 5.13 4.48 -15.58
CA GLU A 165 4.10 4.58 -14.55
C GLU A 165 2.88 3.68 -14.73
N GLN A 166 2.78 2.93 -15.81
CA GLN A 166 1.68 2.01 -16.01
C GLN A 166 2.12 0.58 -15.66
N TYR A 167 1.14 -0.33 -15.63
CA TYR A 167 1.27 -1.76 -15.38
C TYR A 167 1.51 -2.14 -13.92
N ARG A 168 1.60 -1.17 -12.99
CA ARG A 168 1.82 -1.52 -11.60
C ARG A 168 0.72 -2.41 -11.04
N ASN A 169 -0.51 -2.30 -11.59
CA ASN A 169 -1.67 -3.00 -11.05
C ASN A 169 -1.87 -4.39 -11.62
N LEU A 170 -0.97 -4.89 -12.47
CA LEU A 170 -1.04 -6.30 -12.83
C LEU A 170 -0.91 -7.17 -11.58
N PRO A 171 -1.71 -8.23 -11.47
CA PRO A 171 -1.62 -9.10 -10.29
C PRO A 171 -0.57 -10.20 -10.42
N TYR A 172 0.33 -10.04 -11.38
CA TYR A 172 1.41 -10.98 -11.60
C TYR A 172 2.61 -10.20 -12.13
N VAL A 173 3.74 -10.88 -12.27
CA VAL A 173 4.94 -10.28 -12.82
C VAL A 173 5.17 -10.85 -14.22
N GLY A 174 5.39 -9.96 -15.17
CA GLY A 174 5.54 -10.38 -16.56
C GLY A 174 6.57 -9.54 -17.30
N VAL A 175 6.79 -9.94 -18.56
CA VAL A 175 7.66 -9.19 -19.45
C VAL A 175 6.82 -8.66 -20.60
N LEU A 176 7.08 -7.40 -20.98
CA LEU A 176 6.31 -6.74 -22.03
C LEU A 176 6.70 -7.19 -23.44
N LYS A 177 5.69 -7.23 -24.32
CA LYS A 177 5.94 -7.50 -25.74
C LYS A 177 6.82 -6.39 -26.32
N PRO A 178 7.66 -6.73 -27.32
CA PRO A 178 8.56 -5.71 -27.87
C PRO A 178 7.85 -4.48 -28.40
N SER A 179 6.69 -4.67 -29.05
CA SER A 179 5.94 -3.56 -29.62
C SER A 179 5.63 -2.49 -28.58
N VAL A 180 5.52 -2.85 -27.31
CA VAL A 180 5.13 -1.85 -26.31
C VAL A 180 6.20 -0.78 -26.20
N TYR A 181 7.47 -1.15 -26.33
CA TYR A 181 8.53 -0.15 -26.27
C TYR A 181 8.46 0.81 -27.46
N SER A 182 7.98 0.34 -28.61
CA SER A 182 7.80 1.19 -29.78
C SER A 182 6.76 2.28 -29.52
N ALA B 3 0.40 -15.43 17.64
CA ALA B 3 -1.06 -15.43 17.55
C ALA B 3 -1.65 -14.39 18.49
N MET B 4 -1.03 -13.20 18.52
CA MET B 4 -1.32 -12.23 19.56
C MET B 4 -2.41 -11.22 19.19
N MET B 5 -2.31 -10.58 18.02
CA MET B 5 -3.23 -9.48 17.72
CA MET B 5 -3.23 -9.48 17.72
C MET B 5 -4.68 -9.93 17.81
N ASN B 6 -4.98 -11.15 17.32
CA ASN B 6 -6.36 -11.64 17.32
C ASN B 6 -6.95 -11.62 18.72
N GLN B 7 -6.11 -11.86 19.73
CA GLN B 7 -6.58 -11.84 21.11
C GLN B 7 -6.98 -10.46 21.59
N ASP B 8 -6.59 -9.40 20.88
CA ASP B 8 -7.00 -8.06 21.18
C ASP B 8 -8.32 -7.65 20.52
N ILE B 9 -8.91 -8.51 19.71
CA ILE B 9 -10.04 -8.14 18.88
C ILE B 9 -11.29 -8.75 19.51
N GLU B 10 -12.26 -7.90 19.79
CA GLU B 10 -13.51 -8.36 20.39
C GLU B 10 -14.40 -9.02 19.36
N LYS B 11 -14.45 -8.46 18.14
CA LYS B 11 -15.36 -8.92 17.11
C LYS B 11 -14.73 -8.63 15.75
N VAL B 12 -14.81 -9.60 14.84
CA VAL B 12 -14.52 -9.36 13.43
C VAL B 12 -15.77 -8.75 12.78
N LEU B 13 -15.64 -7.53 12.28
CA LEU B 13 -16.76 -6.87 11.64
CA LEU B 13 -16.76 -6.86 11.64
C LEU B 13 -16.89 -7.27 10.18
N ILE B 14 -15.76 -7.38 9.49
CA ILE B 14 -15.71 -7.68 8.06
C ILE B 14 -14.54 -8.63 7.86
N SER B 15 -14.84 -9.82 7.34
CA SER B 15 -13.85 -10.87 7.21
C SER B 15 -12.99 -10.65 5.96
N GLU B 16 -11.85 -11.33 5.94
CA GLU B 16 -10.98 -11.28 4.78
C GLU B 16 -11.69 -11.82 3.54
N GLU B 17 -12.49 -12.87 3.69
CA GLU B 17 -13.21 -13.40 2.53
C GLU B 17 -14.24 -12.39 2.02
N GLN B 18 -14.91 -11.65 2.90
CA GLN B 18 -15.83 -10.62 2.45
C GLN B 18 -15.10 -9.53 1.70
N ILE B 19 -13.95 -9.09 2.20
CA ILE B 19 -13.21 -8.03 1.52
C ILE B 19 -12.77 -8.49 0.14
N GLN B 20 -12.28 -9.73 0.05
CA GLN B 20 -11.80 -10.28 -1.22
C GLN B 20 -12.90 -10.31 -2.26
N GLU B 21 -14.10 -10.74 -1.88
CA GLU B 21 -15.21 -10.70 -2.83
CA GLU B 21 -15.22 -10.69 -2.81
C GLU B 21 -15.55 -9.27 -3.23
N LYS B 22 -15.56 -8.32 -2.30
CA LYS B 22 -15.98 -6.96 -2.64
CA LYS B 22 -15.98 -6.96 -2.64
C LYS B 22 -14.95 -6.28 -3.54
N VAL B 23 -13.65 -6.52 -3.33
CA VAL B 23 -12.67 -5.86 -4.20
C VAL B 23 -12.73 -6.44 -5.61
N LEU B 24 -12.98 -7.75 -5.74
CA LEU B 24 -13.21 -8.34 -7.04
C LEU B 24 -14.38 -7.64 -7.76
N GLU B 25 -15.48 -7.40 -7.04
CA GLU B 25 -16.64 -6.72 -7.62
C GLU B 25 -16.33 -5.27 -8.01
N LEU B 26 -15.81 -4.49 -7.07
CA LEU B 26 -15.56 -3.08 -7.34
C LEU B 26 -14.51 -2.92 -8.43
N GLY B 27 -13.49 -3.78 -8.41
CA GLY B 27 -12.42 -3.64 -9.39
C GLY B 27 -12.94 -3.73 -10.81
N ALA B 28 -13.87 -4.65 -11.05
CA ALA B 28 -14.43 -4.81 -12.39
C ALA B 28 -15.30 -3.61 -12.78
N ILE B 29 -16.05 -3.08 -11.83
CA ILE B 29 -16.89 -1.92 -12.11
C ILE B 29 -16.04 -0.70 -12.37
N ILE B 30 -14.97 -0.52 -11.58
CA ILE B 30 -14.13 0.65 -11.74
C ILE B 30 -13.37 0.57 -13.05
N ALA B 31 -12.94 -0.63 -13.42
CA ALA B 31 -12.24 -0.84 -14.69
C ALA B 31 -13.09 -0.38 -15.88
N GLU B 32 -14.39 -0.68 -15.83
CA GLU B 32 -15.29 -0.24 -16.91
C GLU B 32 -15.45 1.26 -16.89
N ASP B 33 -15.61 1.85 -15.69
CA ASP B 33 -15.75 3.29 -15.60
C ASP B 33 -14.56 4.00 -16.24
N TYR B 34 -13.35 3.47 -16.06
CA TYR B 34 -12.14 4.15 -16.50
C TYR B 34 -11.54 3.52 -17.75
N LYS B 35 -12.34 2.79 -18.54
CA LYS B 35 -11.81 2.04 -19.67
C LYS B 35 -11.28 2.93 -20.80
N ASN B 36 -11.73 4.18 -20.91
CA ASN B 36 -11.34 5.09 -21.98
C ASN B 36 -10.42 6.21 -21.51
N THR B 37 -9.72 6.02 -20.40
CA THR B 37 -8.80 7.02 -19.90
C THR B 37 -7.74 6.29 -19.10
N VAL B 38 -6.64 6.99 -18.82
CA VAL B 38 -5.58 6.48 -17.94
C VAL B 38 -5.68 7.35 -16.69
N PRO B 39 -6.44 6.94 -15.68
CA PRO B 39 -6.59 7.78 -14.49
C PRO B 39 -5.32 7.75 -13.66
N LEU B 40 -5.23 8.73 -12.77
CA LEU B 40 -4.27 8.75 -11.68
C LEU B 40 -4.99 8.33 -10.41
N ALA B 41 -4.64 7.16 -9.89
CA ALA B 41 -5.16 6.65 -8.64
C ALA B 41 -4.23 7.12 -7.53
N ILE B 42 -4.79 7.81 -6.55
CA ILE B 42 -4.02 8.47 -5.51
CA ILE B 42 -4.03 8.48 -5.50
C ILE B 42 -4.39 7.82 -4.18
N GLY B 43 -3.40 7.15 -3.56
CA GLY B 43 -3.61 6.57 -2.26
C GLY B 43 -3.34 7.55 -1.14
N VAL B 44 -4.24 7.61 -0.18
CA VAL B 44 -4.08 8.45 1.00
C VAL B 44 -3.37 7.62 2.06
N LEU B 45 -2.08 7.93 2.26
CA LEU B 45 -1.30 7.20 3.25
C LEU B 45 -1.69 7.66 4.65
N LYS B 46 -1.48 6.80 5.67
CA LYS B 46 -0.96 5.44 5.53
CA LYS B 46 -0.97 5.45 5.53
C LYS B 46 -2.03 4.39 5.28
N GLY B 47 -3.26 4.68 5.68
CA GLY B 47 -4.24 3.62 5.81
C GLY B 47 -4.73 3.02 4.51
N ALA B 48 -4.66 3.75 3.41
CA ALA B 48 -5.25 3.24 2.17
C ALA B 48 -4.43 2.12 1.51
N MET B 49 -3.23 1.83 1.99
CA MET B 49 -2.36 0.98 1.19
CA MET B 49 -2.34 0.98 1.21
C MET B 49 -2.87 -0.43 1.02
N PRO B 50 -3.38 -1.15 2.04
CA PRO B 50 -3.83 -2.53 1.79
C PRO B 50 -5.01 -2.62 0.81
N PHE B 51 -6.03 -1.77 0.99
CA PHE B 51 -7.16 -1.74 0.07
C PHE B 51 -6.72 -1.35 -1.34
N MET B 52 -5.89 -0.32 -1.46
CA MET B 52 -5.49 0.13 -2.79
C MET B 52 -4.76 -0.98 -3.54
N ALA B 53 -3.85 -1.68 -2.85
CA ALA B 53 -3.13 -2.78 -3.47
C ALA B 53 -4.08 -3.83 -3.97
N ASP B 54 -4.99 -4.28 -3.12
CA ASP B 54 -5.85 -5.39 -3.48
C ASP B 54 -6.96 -4.98 -4.44
N LEU B 55 -7.44 -3.75 -4.37
CA LEU B 55 -8.43 -3.26 -5.31
C LEU B 55 -7.84 -3.13 -6.71
N LEU B 56 -6.69 -2.46 -6.83
CA LEU B 56 -6.19 -2.19 -8.16
C LEU B 56 -5.65 -3.45 -8.85
N LYS B 57 -5.26 -4.49 -8.10
CA LYS B 57 -4.88 -5.79 -8.67
C LYS B 57 -6.06 -6.41 -9.41
N ARG B 58 -7.28 -6.03 -8.99
CA ARG B 58 -8.52 -6.53 -9.54
C ARG B 58 -9.17 -5.55 -10.51
N THR B 59 -8.46 -4.49 -10.87
CA THR B 59 -8.96 -3.42 -11.73
C THR B 59 -8.18 -3.55 -13.04
N ASP B 60 -8.78 -4.21 -14.03
CA ASP B 60 -8.07 -4.56 -15.26
C ASP B 60 -8.21 -3.43 -16.28
N THR B 61 -7.46 -2.36 -16.04
CA THR B 61 -7.41 -1.22 -16.93
C THR B 61 -6.06 -0.53 -16.74
N TYR B 62 -5.67 0.24 -17.75
CA TYR B 62 -4.47 1.05 -17.66
C TYR B 62 -4.71 2.21 -16.70
N LEU B 63 -3.75 2.40 -15.79
CA LEU B 63 -3.81 3.47 -14.82
C LEU B 63 -2.42 3.76 -14.30
N GLU B 64 -2.28 4.93 -13.69
CA GLU B 64 -1.09 5.35 -12.97
C GLU B 64 -1.42 5.51 -11.49
N MET B 65 -0.39 5.53 -10.65
CA MET B 65 -0.57 5.64 -9.21
C MET B 65 0.30 6.77 -8.65
N ASP B 66 -0.16 7.34 -7.57
CA ASP B 66 0.65 8.22 -6.74
C ASP B 66 0.03 8.23 -5.34
N PHE B 67 0.66 8.98 -4.45
CA PHE B 67 0.36 8.87 -3.04
C PHE B 67 0.49 10.23 -2.37
N MET B 68 -0.38 10.46 -1.38
CA MET B 68 -0.28 11.62 -0.51
C MET B 68 -0.38 11.20 0.94
N ALA B 69 0.23 12.01 1.80
CA ALA B 69 0.19 11.84 3.24
C ALA B 69 -0.40 13.12 3.82
N VAL B 70 -1.43 13.00 4.65
CA VAL B 70 -2.00 14.16 5.31
C VAL B 70 -2.19 13.82 6.79
N SER B 71 -2.21 14.86 7.61
CA SER B 71 -2.46 14.72 9.04
C SER B 71 -3.68 15.55 9.40
N SER B 72 -4.61 14.93 10.14
CA SER B 72 -5.81 15.56 10.69
C SER B 72 -7.01 15.22 9.80
N THR B 80 -9.59 20.09 14.99
CA THR B 80 -9.70 21.54 14.80
C THR B 80 -10.16 21.86 13.39
N GLY B 81 -10.01 20.88 12.49
CA GLY B 81 -10.44 21.04 11.12
C GLY B 81 -9.35 21.48 10.17
N GLU B 82 -8.15 21.70 10.70
CA GLU B 82 -7.01 22.13 9.89
C GLU B 82 -6.31 20.88 9.39
N VAL B 83 -6.25 20.73 8.06
CA VAL B 83 -5.60 19.59 7.44
C VAL B 83 -4.24 20.04 6.92
N LYS B 84 -3.21 19.21 7.15
CA LYS B 84 -1.85 19.52 6.73
C LYS B 84 -1.35 18.44 5.78
N ILE B 85 -0.76 18.87 4.68
CA ILE B 85 -0.11 17.97 3.73
C ILE B 85 1.28 17.64 4.28
N LEU B 86 1.53 16.36 4.52
CA LEU B 86 2.85 15.87 4.88
C LEU B 86 3.65 15.47 3.63
N LYS B 87 2.99 14.82 2.67
CA LYS B 87 3.58 14.47 1.38
C LYS B 87 2.58 14.81 0.29
N ASP B 88 3.02 15.64 -0.64
CA ASP B 88 2.23 16.00 -1.81
C ASP B 88 2.53 15.05 -2.95
N LEU B 89 1.75 15.16 -4.02
CA LEU B 89 1.98 14.34 -5.20
C LEU B 89 3.29 14.70 -5.89
N ASP B 90 3.84 13.72 -6.60
CA ASP B 90 4.94 13.93 -7.54
C ASP B 90 4.47 13.96 -8.99
N THR B 91 3.16 14.05 -9.22
CA THR B 91 2.56 13.99 -10.55
C THR B 91 1.58 15.16 -10.65
N SER B 92 1.55 15.83 -11.81
CA SER B 92 0.54 16.87 -12.03
C SER B 92 -0.84 16.23 -12.17
N VAL B 93 -1.87 16.88 -11.62
CA VAL B 93 -3.24 16.38 -11.84
C VAL B 93 -3.96 17.15 -12.96
N GLU B 94 -3.31 18.14 -13.57
CA GLU B 94 -3.98 19.02 -14.52
C GLU B 94 -4.47 18.23 -15.73
N GLY B 95 -5.78 18.27 -15.97
CA GLY B 95 -6.39 17.54 -17.05
C GLY B 95 -6.48 16.05 -16.86
N ARG B 96 -6.19 15.54 -15.66
CA ARG B 96 -6.27 14.12 -15.39
C ARG B 96 -7.57 13.73 -14.70
N ASP B 97 -8.00 12.50 -14.95
CA ASP B 97 -9.06 11.87 -14.18
C ASP B 97 -8.45 11.26 -12.92
N ILE B 98 -8.86 11.76 -11.76
CA ILE B 98 -8.29 11.36 -10.46
C ILE B 98 -9.23 10.39 -9.77
N LEU B 99 -8.71 9.29 -9.27
CA LEU B 99 -9.44 8.38 -8.40
C LEU B 99 -8.72 8.36 -7.06
N ILE B 100 -9.34 8.91 -6.02
CA ILE B 100 -8.77 8.91 -4.68
C ILE B 100 -9.14 7.61 -4.01
N VAL B 101 -8.15 6.92 -3.43
CA VAL B 101 -8.37 5.65 -2.77
C VAL B 101 -8.14 5.81 -1.27
N GLU B 102 -9.14 5.45 -0.48
CA GLU B 102 -9.13 5.64 0.97
C GLU B 102 -9.54 4.37 1.71
N ASP B 103 -9.14 4.27 2.99
CA ASP B 103 -9.59 3.17 3.82
C ASP B 103 -10.91 3.45 4.56
N ILE B 104 -11.13 4.66 5.08
CA ILE B 104 -12.39 5.00 5.77
C ILE B 104 -12.66 6.48 5.60
N ILE B 105 -13.95 6.82 5.48
CA ILE B 105 -14.41 8.20 5.56
C ILE B 105 -15.26 8.28 6.84
N ASP B 106 -14.90 9.19 7.72
CA ASP B 106 -15.54 9.27 9.04
C ASP B 106 -16.19 10.63 9.15
N SER B 107 -15.44 11.64 9.59
CA SER B 107 -15.95 13.01 9.59
C SER B 107 -16.10 13.61 8.20
N GLY B 108 -15.33 13.12 7.23
CA GLY B 108 -15.29 13.71 5.91
C GLY B 108 -14.25 14.79 5.70
N LEU B 109 -13.53 15.20 6.74
CA LEU B 109 -12.61 16.30 6.64
C LEU B 109 -11.48 16.03 5.64
N THR B 110 -10.80 14.89 5.80
CA THR B 110 -9.65 14.59 4.95
C THR B 110 -10.00 14.72 3.48
N LEU B 111 -11.06 14.03 3.04
CA LEU B 111 -11.37 14.00 1.62
C LEU B 111 -11.97 15.33 1.16
N SER B 112 -12.68 16.05 2.02
CA SER B 112 -13.15 17.38 1.63
CA SER B 112 -13.14 17.38 1.63
C SER B 112 -11.97 18.25 1.25
N TYR B 113 -10.91 18.21 2.05
CA TYR B 113 -9.71 18.95 1.73
C TYR B 113 -9.12 18.50 0.40
N LEU B 114 -8.94 17.20 0.23
CA LEU B 114 -8.23 16.72 -0.96
C LEU B 114 -9.01 16.98 -2.24
N VAL B 115 -10.34 16.83 -2.20
CA VAL B 115 -11.13 17.01 -3.42
C VAL B 115 -11.00 18.45 -3.89
N ASP B 116 -11.10 19.40 -2.95
CA ASP B 116 -10.97 20.80 -3.32
C ASP B 116 -9.57 21.10 -3.83
N LEU B 117 -8.56 20.46 -3.25
CA LEU B 117 -7.21 20.66 -3.74
C LEU B 117 -7.06 20.19 -5.19
N PHE B 118 -7.62 19.02 -5.52
CA PHE B 118 -7.43 18.52 -6.86
C PHE B 118 -8.29 19.29 -7.87
N LYS B 119 -9.45 19.78 -7.47
CA LYS B 119 -10.22 20.65 -8.36
C LYS B 119 -9.49 21.96 -8.59
N TYR B 120 -8.93 22.56 -7.52
CA TYR B 120 -8.12 23.77 -7.70
C TYR B 120 -7.00 23.53 -8.71
N ARG B 121 -6.37 22.35 -8.68
CA ARG B 121 -5.28 22.04 -9.59
C ARG B 121 -5.74 21.62 -11.00
N LYS B 122 -7.04 21.71 -11.28
CA LYS B 122 -7.58 21.58 -12.63
CA LYS B 122 -7.58 21.58 -12.63
C LYS B 122 -7.70 20.12 -13.07
N ALA B 123 -7.92 19.21 -12.12
CA ALA B 123 -8.26 17.85 -12.49
C ALA B 123 -9.46 17.87 -13.43
N LYS B 124 -9.46 16.95 -14.37
CA LYS B 124 -10.62 16.82 -15.27
C LYS B 124 -11.83 16.24 -14.54
N SER B 125 -11.61 15.30 -13.62
CA SER B 125 -12.66 14.70 -12.82
C SER B 125 -12.00 14.18 -11.56
N VAL B 126 -12.79 14.07 -10.50
CA VAL B 126 -12.32 13.56 -9.21
C VAL B 126 -13.41 12.62 -8.72
N LYS B 127 -13.05 11.37 -8.48
CA LYS B 127 -13.91 10.39 -7.82
C LYS B 127 -13.16 9.78 -6.65
N ILE B 128 -13.93 9.14 -5.74
CA ILE B 128 -13.40 8.53 -4.52
C ILE B 128 -13.87 7.09 -4.43
N VAL B 129 -12.95 6.18 -4.08
CA VAL B 129 -13.30 4.83 -3.67
C VAL B 129 -12.75 4.61 -2.26
N THR B 130 -13.62 4.17 -1.36
CA THR B 130 -13.18 3.91 0.01
C THR B 130 -13.58 2.50 0.40
N LEU B 131 -12.72 1.83 1.19
CA LEU B 131 -13.07 0.52 1.69
C LEU B 131 -14.28 0.60 2.62
N LEU B 132 -14.22 1.49 3.59
CA LEU B 132 -15.21 1.63 4.64
C LEU B 132 -15.81 3.02 4.64
N ASP B 133 -17.08 3.13 5.02
CA ASP B 133 -17.71 4.43 5.21
C ASP B 133 -18.47 4.38 6.52
N LYS B 134 -18.30 5.42 7.33
CA LYS B 134 -18.93 5.54 8.66
C LYS B 134 -19.81 6.78 8.61
N PRO B 135 -21.04 6.67 8.05
CA PRO B 135 -21.84 7.89 7.83
C PRO B 135 -22.26 8.61 9.10
N THR B 136 -22.37 7.91 10.22
CA THR B 136 -22.69 8.52 11.50
C THR B 136 -21.60 9.46 11.97
N GLY B 137 -20.39 9.37 11.40
CA GLY B 137 -19.32 10.25 11.86
C GLY B 137 -19.29 11.62 11.20
N ARG B 138 -20.13 11.87 10.20
CA ARG B 138 -19.92 13.04 9.35
C ARG B 138 -20.07 14.35 10.10
N LYS B 139 -19.13 15.25 9.81
CA LYS B 139 -19.16 16.66 10.19
C LYS B 139 -19.24 17.60 8.99
N VAL B 140 -18.99 17.11 7.79
CA VAL B 140 -19.17 17.89 6.56
C VAL B 140 -19.80 16.94 5.55
N ASP B 141 -20.38 17.51 4.49
CA ASP B 141 -21.08 16.69 3.51
C ASP B 141 -20.06 16.13 2.53
N LEU B 142 -19.89 14.82 2.55
CA LEU B 142 -18.92 14.20 1.65
C LEU B 142 -19.32 12.76 1.46
N LYS B 143 -19.51 12.37 0.21
CA LYS B 143 -19.79 11.00 -0.12
C LYS B 143 -18.83 10.53 -1.19
N ALA B 144 -18.48 9.27 -1.09
CA ALA B 144 -17.64 8.62 -2.08
C ALA B 144 -18.49 8.12 -3.25
N ASP B 145 -17.84 7.96 -4.40
CA ASP B 145 -18.49 7.38 -5.57
C ASP B 145 -18.64 5.89 -5.47
N TYR B 146 -17.70 5.21 -4.77
CA TYR B 146 -17.63 3.78 -4.60
C TYR B 146 -17.29 3.46 -3.14
N VAL B 147 -18.08 2.60 -2.49
CA VAL B 147 -17.87 2.25 -1.09
C VAL B 147 -17.89 0.73 -0.95
N GLY B 148 -16.88 0.19 -0.25
CA GLY B 148 -16.84 -1.23 0.00
C GLY B 148 -17.91 -1.68 0.97
N PHE B 149 -17.86 -1.12 2.18
CA PHE B 149 -18.73 -1.49 3.28
C PHE B 149 -19.08 -0.27 4.13
N THR B 150 -20.28 -0.25 4.67
CA THR B 150 -20.65 0.73 5.66
CA THR B 150 -20.65 0.74 5.68
C THR B 150 -20.44 0.14 7.04
N VAL B 151 -19.94 0.96 7.97
CA VAL B 151 -19.66 0.47 9.32
C VAL B 151 -20.38 1.33 10.34
N PRO B 152 -20.62 0.77 11.53
CA PRO B 152 -21.33 1.51 12.57
C PRO B 152 -20.43 2.50 13.31
N HIS B 153 -21.02 3.18 14.30
CA HIS B 153 -20.33 4.25 15.01
C HIS B 153 -19.45 3.66 16.11
N GLU B 154 -18.37 3.01 15.65
CA GLU B 154 -17.41 2.30 16.48
C GLU B 154 -16.00 2.57 15.93
N PHE B 155 -14.99 2.51 16.80
CA PHE B 155 -13.61 2.61 16.32
C PHE B 155 -13.16 1.25 15.83
N VAL B 156 -12.83 1.15 14.53
CA VAL B 156 -12.42 -0.11 13.93
C VAL B 156 -10.93 -0.05 13.61
N VAL B 157 -10.34 -1.22 13.50
CA VAL B 157 -8.93 -1.37 13.12
C VAL B 157 -8.82 -2.48 12.09
N GLY B 158 -7.69 -2.47 11.39
CA GLY B 158 -7.35 -3.55 10.50
C GLY B 158 -7.45 -3.12 9.04
N TYR B 159 -6.82 -3.93 8.20
CA TYR B 159 -6.83 -3.71 6.75
C TYR B 159 -6.49 -2.26 6.43
N GLY B 160 -5.44 -1.75 7.08
CA GLY B 160 -4.96 -0.40 6.87
C GLY B 160 -5.17 0.51 8.07
N LEU B 161 -6.19 0.25 8.87
CA LEU B 161 -6.64 1.15 9.92
C LEU B 161 -5.91 0.85 11.23
N ASP B 162 -5.32 1.89 11.84
CA ASP B 162 -4.46 1.72 13.02
C ASP B 162 -5.12 2.13 14.33
N TYR B 163 -4.61 1.54 15.43
CA TYR B 163 -4.72 2.13 16.77
C TYR B 163 -3.29 2.39 17.20
N LYS B 164 -2.95 3.67 17.34
CA LYS B 164 -1.61 4.14 17.73
C LYS B 164 -0.55 3.48 16.84
N GLU B 165 -0.82 3.50 15.54
CA GLU B 165 0.04 3.01 14.46
C GLU B 165 0.14 1.48 14.36
N GLN B 166 -0.44 0.73 15.27
CA GLN B 166 -0.45 -0.73 15.18
C GLN B 166 -1.79 -1.22 14.60
N TYR B 167 -1.83 -2.51 14.30
CA TYR B 167 -2.99 -3.27 13.78
C TYR B 167 -3.30 -3.02 12.30
N ARG B 168 -2.55 -2.16 11.59
CA ARG B 168 -2.87 -1.95 10.18
C ARG B 168 -2.76 -3.23 9.37
N ASN B 169 -1.93 -4.19 9.81
CA ASN B 169 -1.65 -5.39 9.04
C ASN B 169 -2.61 -6.54 9.31
N LEU B 170 -3.65 -6.32 10.12
CA LEU B 170 -4.70 -7.34 10.20
C LEU B 170 -5.34 -7.55 8.82
N PRO B 171 -5.63 -8.79 8.46
CA PRO B 171 -6.21 -9.04 7.14
C PRO B 171 -7.74 -8.96 7.13
N TYR B 172 -8.30 -8.36 8.17
CA TYR B 172 -9.75 -8.19 8.32
C TYR B 172 -9.97 -6.89 9.09
N VAL B 173 -11.24 -6.49 9.19
CA VAL B 173 -11.60 -5.29 9.95
C VAL B 173 -12.30 -5.72 11.24
N GLY B 174 -11.87 -5.17 12.35
CA GLY B 174 -12.38 -5.60 13.64
C GLY B 174 -12.50 -4.45 14.62
N VAL B 175 -13.04 -4.79 15.79
CA VAL B 175 -13.19 -3.86 16.90
CA VAL B 175 -13.17 -3.86 16.90
C VAL B 175 -12.30 -4.37 18.04
N LEU B 176 -11.45 -3.47 18.54
N LEU B 176 -11.61 -3.46 18.73
CA LEU B 176 -10.56 -3.76 19.64
CA LEU B 176 -10.68 -3.84 19.81
C LEU B 176 -11.35 -3.74 20.94
C LEU B 176 -11.40 -4.25 21.11
N LYS B 177 -11.08 -4.71 21.78
N LYS B 177 -10.75 -5.13 21.88
CA LYS B 177 -11.53 -4.64 23.15
CA LYS B 177 -11.23 -5.49 23.21
C LYS B 177 -11.20 -3.25 23.69
C LYS B 177 -11.03 -4.32 24.18
N PRO B 178 -12.19 -2.52 24.22
N PRO B 178 -11.94 -4.13 25.15
CA PRO B 178 -11.88 -1.23 24.83
CA PRO B 178 -11.80 -3.01 26.09
C PRO B 178 -10.78 -1.31 25.89
C PRO B 178 -10.42 -2.85 26.71
N SER B 179 -10.48 -2.50 26.40
N SER B 179 -9.82 -3.95 27.17
CA SER B 179 -9.37 -2.64 27.33
CA SER B 179 -8.55 -3.88 27.86
C SER B 179 -8.04 -2.24 26.71
C SER B 179 -7.43 -3.32 26.99
N VAL B 180 -7.93 -2.26 25.38
N VAL B 180 -7.58 -3.38 25.66
CA VAL B 180 -6.67 -1.91 24.73
CA VAL B 180 -6.55 -2.81 24.81
C VAL B 180 -6.35 -0.44 24.94
C VAL B 180 -6.47 -1.31 25.01
N TYR B 181 -7.37 0.42 25.00
N TYR B 181 -7.59 -0.67 25.29
CA TYR B 181 -7.13 1.81 25.32
CA TYR B 181 -7.59 0.75 25.62
C TYR B 181 -6.68 2.00 26.77
C TYR B 181 -7.13 1.01 27.06
N SER B 182 -6.99 1.03 27.64
N SER B 182 -6.59 0.00 27.74
CA SER B 182 -6.73 1.19 29.07
CA SER B 182 -6.21 0.10 29.15
C SER B 182 -6.75 -0.17 29.78
C SER B 182 -7.41 0.51 30.01
#